data_3F08
#
_entry.id   3F08
#
_cell.length_a   129.666
_cell.length_b   129.666
_cell.length_c   75.432
_cell.angle_alpha   90.00
_cell.angle_beta   90.00
_cell.angle_gamma   120.00
#
_symmetry.space_group_name_H-M   'P 61 2 2'
#
loop_
_entity.id
_entity.type
_entity.pdbx_description
1 polymer 'uncharacterized protein Q6HG14'
2 water water
#
_entity_poly.entity_id   1
_entity_poly.type   'polypeptide(L)'
_entity_poly.pdbx_seq_one_letter_code
;(MSE)AHTTTS(MSE)EIFGSTEQVWQLIGGFNSLPDWLPYIPSSKLTEGGRVRHLANPDGETIIERLEVFNDKERYYTY
SI(MSE)NAPFPVTNYLSTIQVKEGTESNTSLVEWSGTFTPVAVSDEEAINLVHGIYSDGLKALQHAFLDLEHHHHHH
;
_entity_poly.pdbx_strand_id   A,B
#
# COMPACT_ATOMS: atom_id res chain seq x y z
N ALA A 2 -15.73 -16.71 -12.15
CA ALA A 2 -15.59 -17.70 -11.04
C ALA A 2 -14.88 -17.07 -9.84
N HIS A 3 -15.25 -17.51 -8.65
CA HIS A 3 -14.67 -17.02 -7.41
C HIS A 3 -14.48 -18.16 -6.43
N THR A 4 -13.68 -17.93 -5.40
CA THR A 4 -13.42 -18.95 -4.39
C THR A 4 -12.91 -18.25 -3.14
N THR A 5 -13.20 -18.83 -1.98
CA THR A 5 -12.77 -18.25 -0.72
C THR A 5 -12.46 -19.31 0.31
N THR A 6 -11.48 -19.02 1.15
CA THR A 6 -11.12 -19.94 2.20
C THR A 6 -10.74 -19.12 3.42
N SER A 7 -11.05 -19.66 4.59
CA SER A 7 -10.74 -18.99 5.85
C SER A 7 -9.94 -19.92 6.73
N MSE A 8 -9.31 -19.37 7.76
CA MSE A 8 -8.52 -20.16 8.66
C MSE A 8 -8.28 -19.39 9.94
O MSE A 8 -7.99 -18.20 9.91
CB MSE A 8 -7.17 -20.49 8.00
CG MSE A 8 -6.49 -21.75 8.50
SE MSE A 8 -7.20 -23.36 7.69
CE MSE A 8 -5.97 -23.54 6.20
N GLU A 9 -8.43 -20.07 11.08
CA GLU A 9 -8.18 -19.44 12.37
C GLU A 9 -6.68 -19.50 12.58
N ILE A 10 -6.09 -18.39 12.96
CA ILE A 10 -4.65 -18.35 13.22
C ILE A 10 -4.48 -18.02 14.69
N PHE A 11 -3.54 -18.70 15.33
CA PHE A 11 -3.30 -18.48 16.76
C PHE A 11 -2.38 -17.30 17.07
N GLY A 12 -2.89 -16.11 16.82
CA GLY A 12 -2.16 -14.89 17.08
C GLY A 12 -3.18 -13.76 17.07
N SER A 13 -2.90 -12.67 17.76
CA SER A 13 -3.82 -11.55 17.78
C SER A 13 -3.92 -10.99 16.37
N THR A 14 -4.96 -10.20 16.08
CA THR A 14 -5.08 -9.61 14.75
C THR A 14 -3.83 -8.78 14.50
N GLU A 15 -3.35 -8.14 15.56
CA GLU A 15 -2.17 -7.30 15.50
C GLU A 15 -0.92 -8.10 15.12
N GLN A 16 -0.79 -9.30 15.65
CA GLN A 16 0.36 -10.16 15.37
C GLN A 16 0.30 -10.75 13.96
N VAL A 17 -0.89 -11.21 13.56
CA VAL A 17 -1.05 -11.79 12.24
C VAL A 17 -0.89 -10.74 11.15
N TRP A 18 -1.50 -9.57 11.35
CA TRP A 18 -1.39 -8.51 10.35
C TRP A 18 0.04 -8.00 10.25
N GLN A 19 0.75 -7.98 11.38
CA GLN A 19 2.13 -7.52 11.35
C GLN A 19 2.97 -8.41 10.44
N LEU A 20 2.62 -9.70 10.42
CA LEU A 20 3.34 -10.65 9.60
C LEU A 20 2.90 -10.72 8.13
N ILE A 21 1.59 -10.73 7.88
CA ILE A 21 1.11 -10.85 6.51
C ILE A 21 0.61 -9.59 5.80
N GLY A 22 0.64 -8.44 6.49
CA GLY A 22 0.15 -7.21 5.88
C GLY A 22 1.02 -6.56 4.82
N GLY A 23 2.33 -6.81 4.87
CA GLY A 23 3.23 -6.20 3.90
C GLY A 23 3.13 -6.83 2.53
N PHE A 24 3.07 -6.01 1.50
CA PHE A 24 2.96 -6.50 0.14
C PHE A 24 4.16 -7.36 -0.27
N ASN A 25 5.34 -7.04 0.27
CA ASN A 25 6.56 -7.77 -0.06
C ASN A 25 6.87 -8.88 0.96
N SER A 26 5.94 -9.15 1.87
CA SER A 26 6.16 -10.13 2.93
C SER A 26 5.73 -11.58 2.71
N LEU A 27 5.32 -11.93 1.51
CA LEU A 27 4.90 -13.31 1.26
C LEU A 27 5.94 -14.34 1.66
N PRO A 28 7.22 -14.14 1.29
CA PRO A 28 8.20 -15.14 1.69
C PRO A 28 8.32 -15.35 3.20
N ASP A 29 7.89 -14.36 3.99
CA ASP A 29 7.94 -14.47 5.44
C ASP A 29 6.93 -15.49 5.98
N TRP A 30 5.92 -15.83 5.18
CA TRP A 30 4.93 -16.78 5.68
C TRP A 30 4.36 -17.77 4.66
N LEU A 31 4.55 -17.50 3.38
CA LEU A 31 4.02 -18.38 2.34
C LEU A 31 5.10 -19.21 1.66
N PRO A 32 5.07 -20.54 1.86
CA PRO A 32 6.03 -21.46 1.26
C PRO A 32 6.05 -21.42 -0.26
N TYR A 33 4.89 -21.22 -0.88
CA TYR A 33 4.78 -21.18 -2.33
C TYR A 33 5.56 -20.02 -2.96
N ILE A 34 5.86 -18.98 -2.16
CA ILE A 34 6.59 -17.82 -2.65
C ILE A 34 7.86 -17.58 -1.85
N PRO A 35 8.96 -18.25 -2.24
CA PRO A 35 10.25 -18.12 -1.56
C PRO A 35 10.99 -16.81 -1.78
N SER A 36 10.61 -16.07 -2.82
CA SER A 36 11.29 -14.81 -3.13
C SER A 36 10.36 -13.71 -3.61
N SER A 37 10.62 -12.49 -3.16
CA SER A 37 9.77 -11.36 -3.55
C SER A 37 10.54 -10.04 -3.56
N LYS A 38 10.21 -9.19 -4.52
CA LYS A 38 10.83 -7.88 -4.64
C LYS A 38 9.83 -6.84 -5.15
N LEU A 39 9.96 -5.61 -4.68
CA LEU A 39 9.04 -4.55 -5.07
C LEU A 39 9.60 -3.61 -6.13
N THR A 40 8.72 -3.11 -6.98
CA THR A 40 9.08 -2.14 -8.00
C THR A 40 7.97 -1.11 -7.95
N GLU A 41 8.11 -0.03 -8.70
CA GLU A 41 7.07 1.00 -8.72
C GLU A 41 6.80 1.61 -7.34
N GLY A 42 7.84 1.81 -6.56
CA GLY A 42 7.69 2.39 -5.23
C GLY A 42 6.87 1.54 -4.26
N GLY A 43 6.84 0.24 -4.52
CA GLY A 43 6.11 -0.67 -3.64
C GLY A 43 4.73 -1.09 -4.13
N ARG A 44 4.34 -0.59 -5.30
CA ARG A 44 3.02 -0.92 -5.85
C ARG A 44 2.95 -2.26 -6.58
N VAL A 45 4.10 -2.77 -7.00
CA VAL A 45 4.15 -4.02 -7.73
C VAL A 45 5.17 -4.96 -7.12
N ARG A 46 4.87 -6.25 -7.13
CA ARG A 46 5.79 -7.23 -6.56
C ARG A 46 6.12 -8.32 -7.56
N HIS A 47 7.41 -8.64 -7.66
CA HIS A 47 7.88 -9.69 -8.55
C HIS A 47 8.16 -10.90 -7.66
N LEU A 48 7.44 -11.98 -7.91
CA LEU A 48 7.58 -13.18 -7.11
C LEU A 48 8.13 -14.35 -7.92
N ALA A 49 8.66 -15.34 -7.22
CA ALA A 49 9.17 -16.55 -7.85
C ALA A 49 8.54 -17.68 -7.03
N ASN A 50 7.93 -18.66 -7.69
CA ASN A 50 7.34 -19.77 -6.93
C ASN A 50 8.43 -20.85 -6.80
N PRO A 51 8.13 -21.97 -6.15
CA PRO A 51 9.16 -23.02 -6.01
C PRO A 51 9.70 -23.58 -7.32
N ASP A 52 8.99 -23.35 -8.42
CA ASP A 52 9.42 -23.84 -9.72
C ASP A 52 10.28 -22.82 -10.44
N GLY A 53 10.51 -21.68 -9.80
CA GLY A 53 11.30 -20.64 -10.41
C GLY A 53 10.50 -19.78 -11.39
N GLU A 54 9.21 -20.08 -11.52
CA GLU A 54 8.34 -19.32 -12.42
C GLU A 54 8.04 -17.99 -11.77
N THR A 55 8.03 -16.92 -12.56
CA THR A 55 7.77 -15.59 -12.02
C THR A 55 6.31 -15.17 -12.02
N ILE A 56 5.92 -14.46 -10.98
CA ILE A 56 4.56 -13.96 -10.85
C ILE A 56 4.67 -12.46 -10.57
N ILE A 57 3.91 -11.67 -11.30
CA ILE A 57 3.91 -10.22 -11.12
C ILE A 57 2.51 -9.78 -10.73
N GLU A 58 2.40 -9.12 -9.58
CA GLU A 58 1.11 -8.67 -9.06
C GLU A 58 1.14 -7.20 -8.69
N ARG A 59 -0.02 -6.55 -8.77
CA ARG A 59 -0.12 -5.14 -8.45
C ARG A 59 -1.01 -4.87 -7.26
N LEU A 60 -0.55 -3.99 -6.37
CA LEU A 60 -1.32 -3.61 -5.21
C LEU A 60 -2.48 -2.76 -5.69
N GLU A 61 -3.71 -3.15 -5.35
CA GLU A 61 -4.88 -2.39 -5.78
C GLU A 61 -5.47 -1.55 -4.64
N VAL A 62 -5.57 -2.17 -3.47
CA VAL A 62 -6.12 -1.50 -2.30
C VAL A 62 -5.39 -1.97 -1.06
N PHE A 63 -5.24 -1.06 -0.09
CA PHE A 63 -4.61 -1.38 1.17
C PHE A 63 -5.22 -0.55 2.28
N ASN A 64 -5.55 -1.19 3.38
CA ASN A 64 -6.13 -0.47 4.52
C ASN A 64 -5.58 -1.11 5.78
N ASP A 65 -4.66 -0.40 6.43
CA ASP A 65 -4.02 -0.90 7.65
C ASP A 65 -4.99 -1.12 8.81
N LYS A 66 -5.87 -0.16 9.04
CA LYS A 66 -6.84 -0.24 10.14
C LYS A 66 -7.83 -1.39 9.97
N GLU A 67 -8.27 -1.62 8.74
CA GLU A 67 -9.21 -2.70 8.46
C GLU A 67 -8.49 -3.99 8.10
N ARG A 68 -7.17 -3.94 8.18
CA ARG A 68 -6.30 -5.10 7.94
C ARG A 68 -6.55 -5.94 6.68
N TYR A 69 -6.47 -5.31 5.52
CA TYR A 69 -6.64 -6.07 4.30
C TYR A 69 -5.95 -5.38 3.15
N TYR A 70 -5.59 -6.14 2.13
CA TYR A 70 -5.02 -5.57 0.93
C TYR A 70 -5.55 -6.40 -0.23
N THR A 71 -5.76 -5.72 -1.36
CA THR A 71 -6.29 -6.35 -2.55
C THR A 71 -5.26 -6.20 -3.66
N TYR A 72 -5.10 -7.22 -4.48
CA TYR A 72 -4.13 -7.16 -5.56
C TYR A 72 -4.60 -7.87 -6.81
N SER A 73 -4.02 -7.48 -7.94
CA SER A 73 -4.34 -8.10 -9.21
C SER A 73 -3.11 -8.84 -9.69
N ILE A 74 -3.31 -9.90 -10.44
CA ILE A 74 -2.20 -10.64 -10.97
C ILE A 74 -2.01 -10.17 -12.41
N MSE A 75 -0.80 -9.72 -12.73
CA MSE A 75 -0.50 -9.26 -14.08
C MSE A 75 0.13 -10.39 -14.90
O MSE A 75 -0.21 -10.58 -16.07
CB MSE A 75 0.42 -8.05 -14.06
CG MSE A 75 -0.15 -6.83 -13.32
SE MSE A 75 0.80 -5.16 -13.67
CE MSE A 75 -0.69 -4.05 -14.22
N ASN A 76 1.03 -11.14 -14.28
CA ASN A 76 1.68 -12.27 -14.95
C ASN A 76 1.79 -13.44 -14.00
N ALA A 77 1.41 -14.62 -14.46
CA ALA A 77 1.47 -15.84 -13.66
C ALA A 77 1.27 -17.08 -14.51
N PRO A 78 1.75 -18.24 -14.04
CA PRO A 78 1.60 -19.50 -14.77
C PRO A 78 0.26 -20.19 -14.48
N PHE A 79 -0.78 -19.39 -14.26
CA PHE A 79 -2.10 -19.94 -13.98
C PHE A 79 -3.06 -19.69 -15.13
N PRO A 80 -3.91 -20.68 -15.46
CA PRO A 80 -4.85 -20.54 -16.56
C PRO A 80 -6.05 -19.67 -16.19
N VAL A 81 -5.78 -18.43 -15.80
CA VAL A 81 -6.82 -17.50 -15.42
C VAL A 81 -6.46 -16.09 -15.86
N THR A 82 -7.45 -15.22 -15.88
CA THR A 82 -7.23 -13.83 -16.27
C THR A 82 -8.23 -12.94 -15.55
N ASN A 83 -7.94 -11.63 -15.51
CA ASN A 83 -8.81 -10.69 -14.82
C ASN A 83 -8.94 -11.18 -13.38
N TYR A 84 -7.80 -11.59 -12.82
CA TYR A 84 -7.71 -12.11 -11.47
C TYR A 84 -7.50 -11.00 -10.42
N LEU A 85 -8.36 -10.97 -9.41
CA LEU A 85 -8.26 -10.00 -8.33
C LEU A 85 -8.38 -10.79 -7.04
N SER A 86 -7.52 -10.50 -6.06
CA SER A 86 -7.55 -11.25 -4.82
C SER A 86 -7.44 -10.34 -3.60
N THR A 87 -8.05 -10.78 -2.52
CA THR A 87 -8.04 -10.03 -1.27
C THR A 87 -7.70 -10.90 -0.07
N ILE A 88 -6.79 -10.41 0.75
CA ILE A 88 -6.41 -11.12 1.96
C ILE A 88 -6.78 -10.18 3.10
N GLN A 89 -7.50 -10.70 4.09
CA GLN A 89 -7.92 -9.88 5.20
C GLN A 89 -7.82 -10.60 6.54
N VAL A 90 -7.42 -9.85 7.56
CA VAL A 90 -7.29 -10.38 8.90
C VAL A 90 -8.46 -9.85 9.72
N LYS A 91 -9.45 -10.71 9.97
CA LYS A 91 -10.62 -10.31 10.73
C LYS A 91 -10.47 -10.75 12.18
N GLU A 92 -11.19 -10.08 13.08
CA GLU A 92 -11.11 -10.44 14.49
C GLU A 92 -11.49 -11.90 14.69
N GLY A 93 -10.71 -12.60 15.51
CA GLY A 93 -10.98 -13.99 15.77
C GLY A 93 -12.06 -14.13 16.82
N THR A 94 -12.20 -15.36 17.34
CA THR A 94 -13.19 -15.64 18.37
C THR A 94 -12.81 -14.90 19.66
N GLU A 95 -11.51 -14.69 19.84
CA GLU A 95 -11.00 -14.00 21.02
C GLU A 95 -9.80 -13.13 20.67
N SER A 96 -9.37 -12.31 21.61
CA SER A 96 -8.25 -11.40 21.43
C SER A 96 -6.94 -12.04 21.00
N ASN A 97 -6.73 -13.31 21.35
CA ASN A 97 -5.47 -13.98 20.99
C ASN A 97 -5.54 -14.78 19.69
N THR A 98 -6.66 -14.67 18.98
CA THR A 98 -6.78 -15.36 17.71
C THR A 98 -7.34 -14.40 16.69
N SER A 99 -7.31 -14.80 15.43
CA SER A 99 -7.83 -13.98 14.36
C SER A 99 -8.24 -14.85 13.19
N LEU A 100 -9.27 -14.40 12.48
CA LEU A 100 -9.77 -15.13 11.34
C LEU A 100 -9.23 -14.52 10.06
N VAL A 101 -8.42 -15.29 9.34
CA VAL A 101 -7.84 -14.80 8.10
C VAL A 101 -8.62 -15.34 6.91
N GLU A 102 -9.08 -14.42 6.06
CA GLU A 102 -9.86 -14.78 4.88
C GLU A 102 -9.13 -14.40 3.61
N TRP A 103 -9.09 -15.33 2.68
CA TRP A 103 -8.42 -15.11 1.41
C TRP A 103 -9.44 -15.45 0.32
N SER A 104 -9.77 -14.47 -0.52
CA SER A 104 -10.73 -14.72 -1.60
C SER A 104 -10.24 -14.16 -2.93
N GLY A 105 -10.76 -14.72 -4.02
CA GLY A 105 -10.35 -14.27 -5.32
C GLY A 105 -11.47 -14.40 -6.34
N THR A 106 -11.41 -13.56 -7.36
CA THR A 106 -12.39 -13.57 -8.44
C THR A 106 -11.52 -13.67 -9.70
N PHE A 107 -11.93 -14.51 -10.65
CA PHE A 107 -11.13 -14.71 -11.85
C PHE A 107 -11.89 -15.36 -13.00
N THR A 108 -11.39 -15.11 -14.20
CA THR A 108 -11.98 -15.70 -15.41
C THR A 108 -11.01 -16.77 -15.89
N PRO A 109 -11.43 -18.04 -15.86
CA PRO A 109 -10.55 -19.13 -16.31
C PRO A 109 -10.24 -19.04 -17.81
N VAL A 110 -9.07 -19.53 -18.20
CA VAL A 110 -8.65 -19.49 -19.59
C VAL A 110 -8.27 -20.88 -20.10
N ALA A 111 -9.01 -21.38 -21.08
CA ALA A 111 -8.76 -22.68 -21.69
C ALA A 111 -9.01 -23.84 -20.73
N VAL A 112 -9.45 -23.54 -19.51
CA VAL A 112 -9.72 -24.59 -18.53
C VAL A 112 -11.13 -24.39 -17.97
N SER A 113 -11.64 -25.39 -17.26
CA SER A 113 -12.98 -25.30 -16.68
C SER A 113 -12.97 -24.53 -15.37
N ASP A 114 -14.15 -24.10 -14.95
CA ASP A 114 -14.28 -23.35 -13.71
C ASP A 114 -13.74 -24.15 -12.53
N GLU A 115 -14.06 -25.44 -12.49
CA GLU A 115 -13.60 -26.30 -11.41
C GLU A 115 -12.08 -26.38 -11.35
N GLU A 116 -11.45 -26.63 -12.50
CA GLU A 116 -10.00 -26.73 -12.57
C GLU A 116 -9.34 -25.44 -12.05
N ALA A 117 -9.87 -24.30 -12.48
CA ALA A 117 -9.35 -22.99 -12.08
C ALA A 117 -9.54 -22.76 -10.59
N ILE A 118 -10.75 -23.02 -10.11
CA ILE A 118 -11.06 -22.84 -8.71
C ILE A 118 -10.15 -23.70 -7.82
N ASN A 119 -9.99 -24.97 -8.17
CA ASN A 119 -9.15 -25.87 -7.39
C ASN A 119 -7.70 -25.37 -7.30
N LEU A 120 -7.17 -24.90 -8.42
CA LEU A 120 -5.79 -24.40 -8.45
C LEU A 120 -5.66 -23.24 -7.45
N VAL A 121 -6.52 -22.25 -7.60
CA VAL A 121 -6.52 -21.08 -6.72
C VAL A 121 -6.78 -21.46 -5.26
N HIS A 122 -7.94 -22.03 -5.01
CA HIS A 122 -8.31 -22.45 -3.65
C HIS A 122 -7.20 -23.29 -3.02
N GLY A 123 -6.53 -24.08 -3.86
CA GLY A 123 -5.45 -24.92 -3.39
C GLY A 123 -4.27 -24.13 -2.89
N ILE A 124 -3.98 -23.01 -3.55
CA ILE A 124 -2.88 -22.15 -3.14
C ILE A 124 -3.30 -21.44 -1.87
N TYR A 125 -4.53 -20.94 -1.85
CA TYR A 125 -5.05 -20.23 -0.68
C TYR A 125 -5.02 -21.15 0.53
N SER A 126 -5.70 -22.29 0.41
CA SER A 126 -5.78 -23.28 1.48
C SER A 126 -4.42 -23.68 2.03
N ASP A 127 -3.50 -24.03 1.14
CA ASP A 127 -2.16 -24.42 1.56
C ASP A 127 -1.46 -23.26 2.26
N GLY A 128 -1.70 -22.05 1.79
CA GLY A 128 -1.07 -20.87 2.38
C GLY A 128 -1.49 -20.58 3.80
N LEU A 129 -2.80 -20.57 4.05
CA LEU A 129 -3.31 -20.30 5.39
C LEU A 129 -2.90 -21.43 6.31
N LYS A 130 -2.88 -22.64 5.76
CA LYS A 130 -2.49 -23.81 6.52
C LYS A 130 -1.06 -23.57 7.00
N ALA A 131 -0.20 -23.11 6.09
CA ALA A 131 1.19 -22.84 6.42
C ALA A 131 1.23 -21.69 7.41
N LEU A 132 0.33 -20.73 7.23
CA LEU A 132 0.27 -19.58 8.11
C LEU A 132 -0.15 -19.98 9.53
N GLN A 133 -1.09 -20.90 9.64
CA GLN A 133 -1.53 -21.31 10.98
C GLN A 133 -0.45 -22.11 11.70
N HIS A 134 0.35 -22.86 10.94
CA HIS A 134 1.42 -23.66 11.52
C HIS A 134 2.54 -22.76 12.04
N ALA A 135 2.64 -21.57 11.48
CA ALA A 135 3.67 -20.62 11.88
C ALA A 135 3.45 -20.09 13.30
N PHE A 136 2.20 -19.84 13.65
CA PHE A 136 1.87 -19.32 14.97
C PHE A 136 1.76 -20.43 16.02
N LEU A 137 2.27 -21.60 15.67
CA LEU A 137 2.30 -22.75 16.57
C LEU A 137 3.75 -23.03 16.92
N ASP A 138 4.66 -22.33 16.26
CA ASP A 138 6.09 -22.50 16.50
C ASP A 138 6.59 -21.53 17.57
N MSE B 1 -8.70 17.81 15.93
CA MSE B 1 -9.64 18.72 15.21
C MSE B 1 -8.98 19.47 14.05
O MSE B 1 -9.54 19.56 12.96
CB MSE B 1 -10.26 19.72 16.19
CG MSE B 1 -10.85 21.00 15.54
SE MSE B 1 -12.27 20.72 14.22
CE MSE B 1 -13.81 20.74 15.41
N ALA B 2 -7.78 20.01 14.30
CA ALA B 2 -7.05 20.78 13.31
C ALA B 2 -6.87 20.07 11.97
N HIS B 3 -7.03 20.82 10.88
CA HIS B 3 -6.90 20.26 9.54
C HIS B 3 -6.50 21.32 8.53
N THR B 4 -6.00 20.88 7.38
CA THR B 4 -5.62 21.82 6.34
C THR B 4 -5.58 21.08 5.02
N THR B 5 -5.76 21.80 3.93
CA THR B 5 -5.74 21.21 2.61
C THR B 5 -5.28 22.23 1.59
N THR B 6 -4.61 21.77 0.56
CA THR B 6 -4.18 22.65 -0.49
C THR B 6 -4.31 21.86 -1.78
N SER B 7 -4.61 22.56 -2.86
CA SER B 7 -4.78 21.90 -4.14
C SER B 7 -4.08 22.67 -5.23
N MSE B 8 -3.79 21.98 -6.33
CA MSE B 8 -3.14 22.63 -7.46
C MSE B 8 -3.39 21.85 -8.73
O MSE B 8 -3.45 20.62 -8.73
CB MSE B 8 -1.63 22.77 -7.20
CG MSE B 8 -0.89 23.51 -8.32
SE MSE B 8 0.89 24.19 -7.83
CE MSE B 8 0.38 25.96 -7.26
N GLU B 9 -3.55 22.58 -9.83
CA GLU B 9 -3.74 21.94 -11.11
C GLU B 9 -2.35 21.62 -11.63
N ILE B 10 -2.02 20.35 -11.68
CA ILE B 10 -0.72 19.93 -12.17
C ILE B 10 -0.84 19.65 -13.66
N PHE B 11 0.13 20.13 -14.43
CA PHE B 11 0.11 19.95 -15.88
C PHE B 11 0.57 18.58 -16.34
N GLY B 12 -0.21 17.57 -16.01
CA GLY B 12 0.09 16.20 -16.40
C GLY B 12 -1.22 15.44 -16.30
N SER B 13 -1.44 14.44 -17.15
CA SER B 13 -2.68 13.68 -17.08
C SER B 13 -2.75 12.96 -15.73
N THR B 14 -3.95 12.51 -15.36
CA THR B 14 -4.10 11.81 -14.10
C THR B 14 -3.19 10.58 -14.05
N GLU B 15 -3.05 9.91 -15.19
CA GLU B 15 -2.22 8.72 -15.29
C GLU B 15 -0.73 9.05 -15.09
N GLN B 16 -0.25 10.12 -15.70
CA GLN B 16 1.15 10.50 -15.57
C GLN B 16 1.46 10.87 -14.12
N VAL B 17 0.62 11.75 -13.56
CA VAL B 17 0.82 12.19 -12.19
C VAL B 17 0.77 11.06 -11.17
N TRP B 18 -0.25 10.20 -11.25
CA TRP B 18 -0.34 9.10 -10.31
C TRP B 18 0.79 8.11 -10.53
N GLN B 19 1.23 7.96 -11.79
CA GLN B 19 2.35 7.06 -12.08
C GLN B 19 3.56 7.56 -11.33
N LEU B 20 3.76 8.87 -11.37
CA LEU B 20 4.89 9.53 -10.71
C LEU B 20 4.81 9.53 -9.18
N ILE B 21 3.68 9.96 -8.64
CA ILE B 21 3.54 10.07 -7.18
C ILE B 21 2.81 8.96 -6.43
N GLY B 22 2.17 8.03 -7.14
CA GLY B 22 1.44 6.96 -6.48
C GLY B 22 2.28 6.02 -5.62
N GLY B 23 3.57 5.90 -5.93
CA GLY B 23 4.44 5.03 -5.17
C GLY B 23 4.75 5.60 -3.80
N PHE B 24 4.52 4.79 -2.77
CA PHE B 24 4.77 5.25 -1.41
C PHE B 24 6.26 5.54 -1.20
N ASN B 25 7.13 4.80 -1.90
CA ASN B 25 8.56 5.01 -1.77
C ASN B 25 9.12 5.93 -2.86
N SER B 26 8.23 6.57 -3.61
CA SER B 26 8.67 7.41 -4.71
C SER B 26 8.87 8.91 -4.50
N LEU B 27 8.77 9.38 -3.26
CA LEU B 27 8.95 10.82 -3.01
C LEU B 27 10.20 11.43 -3.64
N PRO B 28 11.33 10.70 -3.65
CA PRO B 28 12.50 11.32 -4.26
C PRO B 28 12.42 11.48 -5.77
N ASP B 29 11.41 10.87 -6.39
CA ASP B 29 11.22 11.02 -7.83
C ASP B 29 10.57 12.36 -8.15
N TRP B 30 10.08 13.07 -7.14
CA TRP B 30 9.46 14.37 -7.39
C TRP B 30 9.68 15.42 -6.32
N LEU B 31 10.33 15.04 -5.23
CA LEU B 31 10.64 15.96 -4.13
C LEU B 31 12.16 16.06 -4.03
N PRO B 32 12.74 17.16 -4.51
CA PRO B 32 14.20 17.39 -4.48
C PRO B 32 14.86 17.38 -3.10
N TYR B 33 14.14 17.82 -2.08
CA TYR B 33 14.70 17.87 -0.73
C TYR B 33 14.65 16.54 0.02
N ILE B 34 14.19 15.50 -0.66
CA ILE B 34 14.13 14.15 -0.08
C ILE B 34 15.00 13.29 -0.99
N PRO B 35 16.34 13.37 -0.82
CA PRO B 35 17.28 12.60 -1.64
C PRO B 35 17.01 11.10 -1.72
N SER B 36 16.71 10.48 -0.59
CA SER B 36 16.49 9.03 -0.59
C SER B 36 15.33 8.57 0.27
N SER B 37 14.77 7.42 -0.10
CA SER B 37 13.66 6.81 0.60
C SER B 37 13.73 5.29 0.48
N LYS B 38 13.52 4.60 1.59
CA LYS B 38 13.55 3.13 1.63
C LYS B 38 12.30 2.62 2.35
N LEU B 39 11.87 1.42 2.00
CA LEU B 39 10.69 0.83 2.61
C LEU B 39 11.02 -0.30 3.58
N THR B 40 10.25 -0.40 4.66
CA THR B 40 10.42 -1.49 5.62
C THR B 40 9.04 -2.08 5.87
N GLU B 41 8.97 -3.11 6.70
CA GLU B 41 7.70 -3.76 6.99
C GLU B 41 6.95 -4.20 5.73
N GLY B 42 7.67 -4.82 4.81
CA GLY B 42 7.08 -5.29 3.58
C GLY B 42 6.57 -4.22 2.63
N GLY B 43 6.90 -2.96 2.93
CA GLY B 43 6.45 -1.86 2.08
C GLY B 43 5.44 -0.93 2.73
N ARG B 44 5.13 -1.18 4.00
CA ARG B 44 4.17 -0.37 4.75
C ARG B 44 4.76 0.85 5.44
N VAL B 45 6.07 0.90 5.56
CA VAL B 45 6.71 2.01 6.23
C VAL B 45 7.82 2.59 5.35
N ARG B 46 7.87 3.91 5.25
CA ARG B 46 8.91 4.53 4.45
C ARG B 46 9.82 5.38 5.31
N HIS B 47 11.12 5.26 5.05
CA HIS B 47 12.13 6.01 5.77
C HIS B 47 12.63 7.07 4.82
N LEU B 48 12.33 8.32 5.13
CA LEU B 48 12.72 9.45 4.29
C LEU B 48 13.92 10.17 4.88
N ALA B 49 14.94 10.36 4.07
CA ALA B 49 16.12 11.06 4.55
C ALA B 49 16.21 12.43 3.90
N ASN B 50 16.44 13.47 4.69
CA ASN B 50 16.58 14.82 4.13
C ASN B 50 18.08 15.01 3.94
N PRO B 51 18.50 16.09 3.28
CA PRO B 51 19.95 16.29 3.08
C PRO B 51 20.79 16.14 4.35
N ASP B 52 20.24 16.57 5.49
CA ASP B 52 20.92 16.49 6.79
C ASP B 52 21.40 15.09 7.13
N GLY B 53 20.60 14.11 6.73
CA GLY B 53 20.89 12.74 7.04
C GLY B 53 19.84 12.33 8.05
N GLU B 54 19.07 13.30 8.52
CA GLU B 54 18.00 13.02 9.47
C GLU B 54 16.92 12.26 8.73
N THR B 55 16.38 11.22 9.36
CA THR B 55 15.37 10.41 8.69
C THR B 55 13.99 10.48 9.33
N ILE B 56 12.98 10.64 8.48
CA ILE B 56 11.59 10.71 8.91
C ILE B 56 10.96 9.36 8.59
N ILE B 57 10.12 8.87 9.48
CA ILE B 57 9.47 7.59 9.27
C ILE B 57 7.97 7.76 9.19
N GLU B 58 7.37 7.30 8.10
CA GLU B 58 5.94 7.43 7.92
C GLU B 58 5.30 6.08 7.63
N ARG B 59 4.07 5.93 8.09
CA ARG B 59 3.35 4.67 7.93
C ARG B 59 2.21 4.76 6.92
N LEU B 60 2.16 3.77 6.03
CA LEU B 60 1.09 3.70 5.03
C LEU B 60 -0.20 3.28 5.74
N GLU B 61 -1.25 4.07 5.62
CA GLU B 61 -2.53 3.75 6.27
C GLU B 61 -3.56 3.22 5.30
N VAL B 62 -3.69 3.89 4.15
CA VAL B 62 -4.64 3.49 3.12
C VAL B 62 -4.02 3.71 1.76
N PHE B 63 -4.37 2.86 0.81
CA PHE B 63 -3.90 2.98 -0.55
C PHE B 63 -5.00 2.48 -1.47
N ASN B 64 -5.25 3.23 -2.53
CA ASN B 64 -6.27 2.85 -3.50
C ASN B 64 -5.76 3.28 -4.86
N ASP B 65 -5.32 2.32 -5.66
CA ASP B 65 -4.77 2.61 -6.98
C ASP B 65 -5.73 3.28 -7.95
N LYS B 66 -6.94 2.73 -8.08
CA LYS B 66 -7.90 3.29 -9.01
C LYS B 66 -8.50 4.64 -8.58
N GLU B 67 -8.58 4.89 -7.28
CA GLU B 67 -9.11 6.16 -6.81
C GLU B 67 -7.94 7.14 -6.64
N ARG B 68 -6.76 6.66 -7.00
CA ARG B 68 -5.52 7.43 -6.97
C ARG B 68 -5.21 8.25 -5.72
N TYR B 69 -5.10 7.59 -4.58
CA TYR B 69 -4.73 8.30 -3.36
C TYR B 69 -4.13 7.33 -2.35
N TYR B 70 -3.36 7.88 -1.42
CA TYR B 70 -2.81 7.08 -0.33
C TYR B 70 -2.82 7.98 0.89
N THR B 71 -2.95 7.36 2.05
CA THR B 71 -3.02 8.07 3.30
C THR B 71 -1.91 7.55 4.20
N TYR B 72 -1.23 8.45 4.87
CA TYR B 72 -0.15 8.04 5.74
C TYR B 72 -0.17 8.78 7.05
N SER B 73 0.51 8.20 8.04
CA SER B 73 0.61 8.78 9.36
C SER B 73 2.09 8.97 9.64
N ILE B 74 2.42 9.75 10.66
CA ILE B 74 3.82 9.96 10.98
C ILE B 74 4.23 9.18 12.20
N MSE B 75 5.30 8.41 12.06
CA MSE B 75 5.82 7.59 13.14
C MSE B 75 6.96 8.31 13.86
O MSE B 75 7.04 8.29 15.09
CB MSE B 75 6.31 6.26 12.56
CG MSE B 75 6.30 5.09 13.52
SE MSE B 75 5.88 3.46 12.55
CE MSE B 75 4.01 3.27 13.03
N ASN B 76 7.82 8.95 13.08
CA ASN B 76 8.97 9.69 13.60
C ASN B 76 9.25 10.94 12.78
N ALA B 77 9.02 12.11 13.38
CA ALA B 77 9.25 13.38 12.69
C ALA B 77 9.42 14.56 13.64
N PRO B 78 10.10 15.62 13.18
CA PRO B 78 10.33 16.82 13.99
C PRO B 78 9.26 17.90 13.86
N PHE B 79 8.01 17.49 13.64
CA PHE B 79 6.93 18.46 13.50
C PHE B 79 6.11 18.51 14.78
N PRO B 80 5.74 19.71 15.24
CA PRO B 80 4.94 19.90 16.46
C PRO B 80 3.48 19.49 16.34
N VAL B 81 3.23 18.25 15.95
CA VAL B 81 1.87 17.75 15.81
C VAL B 81 1.81 16.29 16.18
N THR B 82 0.62 15.86 16.60
CA THR B 82 0.40 14.47 16.97
C THR B 82 -0.90 14.05 16.30
N ASN B 83 -1.23 12.77 16.31
CA ASN B 83 -2.44 12.30 15.66
C ASN B 83 -2.46 12.73 14.21
N TYR B 84 -1.29 12.76 13.59
CA TYR B 84 -1.17 13.18 12.20
C TYR B 84 -1.59 12.16 11.15
N LEU B 85 -2.48 12.56 10.26
CA LEU B 85 -2.93 11.73 9.16
C LEU B 85 -2.92 12.63 7.94
N SER B 86 -2.42 12.12 6.82
CA SER B 86 -2.34 12.93 5.61
C SER B 86 -2.73 12.12 4.38
N THR B 87 -3.44 12.74 3.46
CA THR B 87 -3.85 12.06 2.24
C THR B 87 -3.51 12.92 1.03
N ILE B 88 -2.91 12.28 0.03
CA ILE B 88 -2.61 12.99 -1.21
C ILE B 88 -3.41 12.25 -2.26
N GLN B 89 -4.14 13.00 -3.08
CA GLN B 89 -4.97 12.38 -4.10
C GLN B 89 -4.89 13.09 -5.43
N VAL B 90 -4.95 12.30 -6.50
CA VAL B 90 -4.88 12.84 -7.85
C VAL B 90 -6.29 12.77 -8.45
N LYS B 91 -6.98 13.90 -8.47
CA LYS B 91 -8.33 13.98 -9.02
C LYS B 91 -8.29 14.39 -10.48
N GLU B 92 -9.42 14.21 -11.16
CA GLU B 92 -9.52 14.57 -12.56
C GLU B 92 -9.23 16.05 -12.77
N GLY B 93 -8.43 16.37 -13.79
CA GLY B 93 -8.11 17.75 -14.07
C GLY B 93 -9.21 18.32 -14.95
N THR B 94 -9.07 19.56 -15.39
CA THR B 94 -10.08 20.17 -16.25
C THR B 94 -9.93 19.66 -17.67
N GLU B 95 -8.71 19.25 -18.01
CA GLU B 95 -8.39 18.70 -19.33
C GLU B 95 -7.84 17.29 -19.11
N SER B 96 -7.69 16.55 -20.20
CA SER B 96 -7.17 15.19 -20.10
C SER B 96 -5.67 15.20 -19.82
N ASN B 97 -5.03 16.34 -20.01
CA ASN B 97 -3.59 16.47 -19.77
C ASN B 97 -3.26 17.26 -18.50
N THR B 98 -4.23 17.39 -17.60
CA THR B 98 -3.98 18.08 -16.33
C THR B 98 -4.61 17.27 -15.21
N SER B 99 -4.18 17.54 -13.97
CA SER B 99 -4.71 16.84 -12.81
C SER B 99 -4.94 17.82 -11.68
N LEU B 100 -5.93 17.54 -10.84
CA LEU B 100 -6.17 18.36 -9.67
C LEU B 100 -5.61 17.54 -8.52
N VAL B 101 -4.41 17.89 -8.09
CA VAL B 101 -3.80 17.15 -7.01
C VAL B 101 -4.14 17.85 -5.69
N GLU B 102 -4.71 17.08 -4.77
CA GLU B 102 -5.13 17.59 -3.48
C GLU B 102 -4.35 16.91 -2.37
N TRP B 103 -3.77 17.71 -1.48
CA TRP B 103 -3.00 17.21 -0.35
C TRP B 103 -3.67 17.75 0.90
N SER B 104 -4.09 16.86 1.79
CA SER B 104 -4.76 17.33 3.00
C SER B 104 -4.30 16.58 4.25
N GLY B 105 -4.52 17.19 5.40
CA GLY B 105 -4.13 16.56 6.64
C GLY B 105 -4.92 16.97 7.86
N THR B 106 -4.98 16.07 8.84
CA THR B 106 -5.66 16.29 10.10
C THR B 106 -4.63 15.98 11.17
N PHE B 107 -4.62 16.79 12.23
CA PHE B 107 -3.63 16.61 13.28
C PHE B 107 -3.97 17.44 14.50
N THR B 108 -3.26 17.20 15.59
CA THR B 108 -3.46 17.94 16.83
C THR B 108 -2.17 18.70 17.08
N PRO B 109 -2.25 20.02 17.23
CA PRO B 109 -1.03 20.81 17.49
C PRO B 109 -0.46 20.50 18.87
N VAL B 110 0.86 20.51 18.98
CA VAL B 110 1.52 20.24 20.25
C VAL B 110 2.60 21.29 20.50
N ALA B 111 2.40 22.11 21.54
CA ALA B 111 3.37 23.15 21.90
C ALA B 111 3.37 24.38 20.99
N VAL B 112 2.43 24.44 20.05
CA VAL B 112 2.29 25.58 19.15
C VAL B 112 0.80 25.82 18.94
N SER B 113 0.44 26.98 18.42
CA SER B 113 -0.98 27.29 18.20
C SER B 113 -1.52 26.49 17.01
N ASP B 114 -2.83 26.34 16.91
CA ASP B 114 -3.40 25.62 15.79
C ASP B 114 -2.94 26.30 14.51
N GLU B 115 -2.93 27.63 14.55
CA GLU B 115 -2.54 28.43 13.39
C GLU B 115 -1.11 28.18 12.91
N GLU B 116 -0.18 27.95 13.84
CA GLU B 116 1.20 27.71 13.45
C GLU B 116 1.37 26.29 12.89
N ALA B 117 0.66 25.32 13.45
CA ALA B 117 0.76 23.95 12.97
C ALA B 117 0.17 23.90 11.57
N ILE B 118 -0.95 24.58 11.40
CA ILE B 118 -1.64 24.64 10.13
C ILE B 118 -0.76 25.29 9.06
N ASN B 119 -0.14 26.41 9.40
CA ASN B 119 0.73 27.11 8.45
C ASN B 119 1.95 26.27 8.07
N LEU B 120 2.50 25.54 9.04
CA LEU B 120 3.65 24.69 8.78
C LEU B 120 3.28 23.53 7.86
N VAL B 121 2.18 22.85 8.19
CA VAL B 121 1.73 21.73 7.38
C VAL B 121 1.33 22.20 5.98
N HIS B 122 0.57 23.28 5.90
CA HIS B 122 0.15 23.80 4.60
C HIS B 122 1.38 24.17 3.78
N GLY B 123 2.39 24.72 4.45
CA GLY B 123 3.61 25.10 3.76
C GLY B 123 4.31 23.89 3.17
N ILE B 124 4.27 22.78 3.89
CA ILE B 124 4.88 21.55 3.41
C ILE B 124 4.16 21.03 2.16
N TYR B 125 2.83 21.02 2.22
CA TYR B 125 2.04 20.56 1.09
C TYR B 125 2.23 21.46 -0.12
N SER B 126 2.20 22.76 0.11
CA SER B 126 2.35 23.74 -0.95
C SER B 126 3.72 23.68 -1.63
N ASP B 127 4.78 23.41 -0.86
CA ASP B 127 6.11 23.31 -1.44
C ASP B 127 6.20 22.05 -2.28
N GLY B 128 5.61 20.97 -1.79
CA GLY B 128 5.61 19.71 -2.51
C GLY B 128 4.89 19.77 -3.84
N LEU B 129 3.74 20.44 -3.87
CA LEU B 129 2.97 20.55 -5.10
C LEU B 129 3.67 21.45 -6.11
N LYS B 130 4.40 22.45 -5.63
CA LYS B 130 5.14 23.32 -6.54
C LYS B 130 6.26 22.48 -7.14
N ALA B 131 6.82 21.60 -6.30
CA ALA B 131 7.90 20.72 -6.74
C ALA B 131 7.34 19.75 -7.77
N LEU B 132 6.11 19.29 -7.55
CA LEU B 132 5.48 18.37 -8.49
C LEU B 132 5.24 19.06 -9.83
N GLN B 133 4.86 20.33 -9.78
CA GLN B 133 4.60 21.11 -11.00
C GLN B 133 5.92 21.24 -11.75
N HIS B 134 6.99 21.51 -11.01
CA HIS B 134 8.30 21.66 -11.62
C HIS B 134 8.72 20.37 -12.31
N ALA B 135 8.43 19.24 -11.69
CA ALA B 135 8.78 17.94 -12.25
C ALA B 135 8.10 17.74 -13.59
N PHE B 136 6.87 18.24 -13.73
CA PHE B 136 6.15 18.09 -14.98
C PHE B 136 6.48 19.13 -16.04
N LEU B 137 7.22 20.16 -15.64
CA LEU B 137 7.65 21.19 -16.57
C LEU B 137 8.89 20.58 -17.20
N ASP B 138 9.44 19.59 -16.50
CA ASP B 138 10.64 18.86 -16.89
C ASP B 138 11.91 19.64 -16.55
#